data_2D5X
#
_entry.id   2D5X
#
_cell.length_a   62.337
_cell.length_b   107.442
_cell.length_c   87.016
_cell.angle_alpha   90.00
_cell.angle_beta   90.00
_cell.angle_gamma   90.00
#
_symmetry.space_group_name_H-M   'C 2 2 21'
#
loop_
_entity.id
_entity.type
_entity.pdbx_description
1 polymer 'Hemoglobin alpha subunit'
2 polymer 'Hemoglobin beta subunit'
3 non-polymer 'PROTOPORPHYRIN IX CONTAINING FE'
4 non-polymer 'CARBON MONOXIDE'
5 non-polymer '2-[4-({[(3,5-DICHLOROPHENYL)AMINO]CARBONYL}AMINO)PHENOXY]-2-METHYLPROPANOIC ACID'
6 water water
#
loop_
_entity_poly.entity_id
_entity_poly.type
_entity_poly.pdbx_seq_one_letter_code
_entity_poly.pdbx_strand_id
1 'polypeptide(L)'
;VLSAADKTNVKAAWSKVGGHAGEYGAEALERMFLGFPTTKTYFPHFDLSHGSAQVKAHGKKVGDALTLAVGHLDDLPGAL
SNLSDLHAHKLRVDPVNFKLLSHCLLSTLAVHLPNDFTPAVHASLDKFLSSVSTVLTSKYR
;
A
2 'polypeptide(L)'
;VQLSGEEKAAVLALWDKVNEEEVGGEALGRLLVVYPWTQRFFDSFGDLSNPGAVMGNPKVKAHGKKVLHSFGEGVHHLDN
LKGTFAALSELHCDKLHVDPENFRLLGNVLVVVLARHFGKDFTPELQASYQKVVAGVANALAHKYH
;
B
#
loop_
_chem_comp.id
_chem_comp.type
_chem_comp.name
_chem_comp.formula
CMO non-polymer 'CARBON MONOXIDE' 'C O'
HEM non-polymer 'PROTOPORPHYRIN IX CONTAINING FE' 'C34 H32 Fe N4 O4'
L35 non-polymer '2-[4-({[(3,5-DICHLOROPHENYL)AMINO]CARBONYL}AMINO)PHENOXY]-2-METHYLPROPANOIC ACID' 'C17 H16 Cl2 N2 O4'
#
# COMPACT_ATOMS: atom_id res chain seq x y z
N VAL A 1 3.76 11.66 17.51
CA VAL A 1 4.33 10.47 18.20
C VAL A 1 3.31 9.32 18.31
N LEU A 2 3.77 8.11 18.01
CA LEU A 2 2.94 6.90 17.96
C LEU A 2 2.46 6.51 19.36
N SER A 3 1.37 5.74 19.45
CA SER A 3 0.93 5.21 20.74
C SER A 3 1.91 4.17 21.28
N ALA A 4 1.83 3.88 22.58
CA ALA A 4 2.67 2.83 23.18
C ALA A 4 2.47 1.50 22.45
N ALA A 5 1.20 1.17 22.19
CA ALA A 5 0.85 -0.05 21.47
C ALA A 5 1.44 -0.11 20.06
N ASP A 6 1.43 1.00 19.34
CA ASP A 6 2.03 1.08 18.02
C ASP A 6 3.54 0.90 18.07
N LYS A 7 4.20 1.55 19.03
CA LYS A 7 5.65 1.41 19.16
C LYS A 7 6.06 -0.04 19.41
N THR A 8 5.29 -0.72 20.24
CA THR A 8 5.49 -2.12 20.56
C THR A 8 5.32 -2.97 19.29
N ASN A 9 4.26 -2.73 18.53
CA ASN A 9 4.04 -3.45 17.27
C ASN A 9 5.17 -3.22 16.27
N VAL A 10 5.62 -1.97 16.20
CA VAL A 10 6.63 -1.61 15.22
C VAL A 10 7.97 -2.24 15.57
N LYS A 11 8.38 -2.13 16.85
CA LYS A 11 9.62 -2.79 17.28
C LYS A 11 9.56 -4.30 17.12
N ALA A 12 8.40 -4.87 17.41
CA ALA A 12 8.18 -6.33 17.23
C ALA A 12 8.35 -6.72 15.77
N ALA A 13 7.62 -6.04 14.87
CA ALA A 13 7.70 -6.36 13.44
C ALA A 13 9.09 -6.19 12.90
N TRP A 14 9.76 -5.10 13.29
CA TRP A 14 11.10 -4.86 12.78
C TRP A 14 12.08 -5.92 13.25
N SER A 15 11.80 -6.52 14.40
CA SER A 15 12.66 -7.61 14.86
C SER A 15 12.56 -8.81 13.93
N LYS A 16 11.37 -9.03 13.37
CA LYS A 16 11.13 -10.14 12.43
C LYS A 16 11.79 -9.93 11.07
N VAL A 17 12.09 -8.68 10.73
CA VAL A 17 12.85 -8.31 9.54
C VAL A 17 14.25 -8.98 9.63
N GLY A 18 14.70 -9.33 10.82
CA GLY A 18 16.04 -9.94 10.95
C GLY A 18 17.08 -9.01 10.35
N GLY A 19 18.00 -9.57 9.57
CA GLY A 19 19.02 -8.77 8.92
C GLY A 19 18.66 -8.33 7.51
N HIS A 20 17.37 -8.35 7.19
CA HIS A 20 16.89 -8.13 5.82
C HIS A 20 16.48 -6.69 5.49
N ALA A 21 16.71 -5.74 6.39
CA ALA A 21 16.20 -4.38 6.18
C ALA A 21 16.70 -3.76 4.87
N GLY A 22 17.97 -3.98 4.58
CA GLY A 22 18.60 -3.44 3.38
C GLY A 22 18.03 -4.05 2.12
N GLU A 23 17.83 -5.37 2.16
CA GLU A 23 17.23 -6.10 1.04
C GLU A 23 15.83 -5.61 0.79
N TYR A 24 15.08 -5.42 1.88
CA TYR A 24 13.70 -4.98 1.78
C TYR A 24 13.63 -3.54 1.28
N GLY A 25 14.54 -2.70 1.74
CA GLY A 25 14.62 -1.32 1.22
C GLY A 25 14.87 -1.31 -0.29
N ALA A 26 15.80 -2.15 -0.76
CA ALA A 26 16.13 -2.23 -2.20
C ALA A 26 14.91 -2.67 -2.99
N GLU A 27 14.22 -3.70 -2.51
CA GLU A 27 13.05 -4.23 -3.21
C GLU A 27 11.93 -3.18 -3.21
N ALA A 28 11.76 -2.46 -2.10
CA ALA A 28 10.73 -1.41 -2.02
C ALA A 28 10.99 -0.33 -3.06
N LEU A 29 12.26 0.06 -3.18
CA LEU A 29 12.65 1.03 -4.19
C LEU A 29 12.31 0.48 -5.57
N GLU A 30 12.64 -0.78 -5.85
CA GLU A 30 12.35 -1.32 -7.18
C GLU A 30 10.85 -1.29 -7.47
N ARG A 31 10.08 -1.68 -6.46
CA ARG A 31 8.62 -1.66 -6.59
C ARG A 31 8.12 -0.25 -6.86
N MET A 32 8.73 0.74 -6.21
CA MET A 32 8.35 2.12 -6.42
C MET A 32 8.69 2.59 -7.83
N PHE A 33 9.91 2.32 -8.30
CA PHE A 33 10.32 2.77 -9.62
C PHE A 33 9.46 2.18 -10.74
N LEU A 34 9.05 0.93 -10.59
CA LEU A 34 8.21 0.27 -11.61
C LEU A 34 6.74 0.62 -11.43
N GLY A 35 6.26 0.64 -10.20
CA GLY A 35 4.84 0.93 -9.95
C GLY A 35 4.50 2.38 -10.15
N PHE A 36 5.45 3.27 -9.86
CA PHE A 36 5.23 4.71 -9.94
C PHE A 36 6.40 5.37 -10.66
N PRO A 37 6.43 5.26 -12.00
CA PRO A 37 7.60 5.69 -12.78
C PRO A 37 8.03 7.15 -12.67
N THR A 38 7.12 8.03 -12.26
CA THR A 38 7.49 9.40 -12.00
C THR A 38 8.66 9.46 -11.02
N THR A 39 8.73 8.50 -10.09
CA THR A 39 9.75 8.57 -9.04
C THR A 39 11.17 8.34 -9.56
N LYS A 40 11.27 7.74 -10.75
CA LYS A 40 12.57 7.41 -11.33
C LYS A 40 13.40 8.66 -11.60
N THR A 41 12.75 9.80 -11.80
CA THR A 41 13.47 11.01 -12.21
C THR A 41 14.29 11.61 -11.08
N TYR A 42 14.13 11.10 -9.86
CA TYR A 42 14.94 11.53 -8.73
C TYR A 42 16.33 10.90 -8.75
N PHE A 43 16.47 9.87 -9.59
CA PHE A 43 17.69 9.07 -9.61
C PHE A 43 18.27 9.01 -11.04
N PRO A 44 18.51 10.17 -11.65
CA PRO A 44 18.90 10.24 -13.07
C PRO A 44 20.19 9.51 -13.43
N HIS A 45 21.13 9.42 -12.47
CA HIS A 45 22.41 8.76 -12.69
C HIS A 45 22.54 7.42 -11.94
N PHE A 46 21.41 6.75 -11.75
CA PHE A 46 21.39 5.39 -11.21
C PHE A 46 21.04 4.43 -12.33
N ASP A 47 21.63 3.24 -12.28
CA ASP A 47 21.13 2.08 -13.00
C ASP A 47 19.95 1.57 -12.16
N LEU A 48 18.74 1.66 -12.72
CA LEU A 48 17.54 1.29 -11.98
C LEU A 48 17.03 -0.12 -12.28
N SER A 49 17.79 -0.86 -13.09
CA SER A 49 17.44 -2.24 -13.44
C SER A 49 17.51 -3.18 -12.24
N HIS A 50 16.83 -4.32 -12.32
CA HIS A 50 16.84 -5.28 -11.22
C HIS A 50 18.24 -5.76 -10.87
N GLY A 51 18.52 -5.85 -9.57
CA GLY A 51 19.80 -6.36 -9.07
C GLY A 51 20.91 -5.34 -9.17
N SER A 52 20.57 -4.14 -9.62
CA SER A 52 21.50 -3.03 -9.75
C SER A 52 22.32 -2.85 -8.48
N ALA A 53 23.64 -2.64 -8.64
CA ALA A 53 24.52 -2.38 -7.50
C ALA A 53 24.04 -1.15 -6.74
N GLN A 54 23.68 -0.11 -7.50
CA GLN A 54 23.28 1.16 -6.93
C GLN A 54 21.98 1.05 -6.16
N VAL A 55 21.02 0.29 -6.69
CA VAL A 55 19.73 0.14 -5.98
C VAL A 55 19.92 -0.66 -4.70
N LYS A 56 20.74 -1.72 -4.78
CA LYS A 56 21.08 -2.52 -3.60
C LYS A 56 21.73 -1.65 -2.52
N ALA A 57 22.69 -0.82 -2.92
CA ALA A 57 23.38 0.10 -1.99
C ALA A 57 22.36 1.05 -1.38
N HIS A 58 21.52 1.64 -2.23
CA HIS A 58 20.59 2.64 -1.75
C HIS A 58 19.51 2.10 -0.84
N GLY A 59 19.06 0.89 -1.12
CA GLY A 59 18.14 0.17 -0.24
C GLY A 59 18.71 -0.09 1.14
N LYS A 60 20.01 -0.38 1.21
CA LYS A 60 20.69 -0.53 2.48
C LYS A 60 20.61 0.77 3.30
N LYS A 61 20.82 1.91 2.63
CA LYS A 61 20.72 3.20 3.30
C LYS A 61 19.31 3.47 3.82
N VAL A 62 18.30 3.25 2.98
CA VAL A 62 16.92 3.41 3.43
C VAL A 62 16.61 2.46 4.59
N GLY A 63 16.97 1.18 4.49
CA GLY A 63 16.76 0.22 5.58
C GLY A 63 17.46 0.63 6.87
N ASP A 64 18.68 1.15 6.76
CA ASP A 64 19.43 1.59 7.94
C ASP A 64 18.76 2.80 8.59
N ALA A 65 18.27 3.74 7.77
CA ALA A 65 17.56 4.89 8.32
C ALA A 65 16.24 4.47 8.99
N LEU A 66 15.53 3.51 8.42
CA LEU A 66 14.30 3.01 9.06
C LEU A 66 14.62 2.26 10.37
N THR A 67 15.70 1.50 10.39
CA THR A 67 16.12 0.82 11.60
C THR A 67 16.46 1.81 12.71
N LEU A 68 17.14 2.88 12.33
CA LEU A 68 17.44 3.96 13.25
C LEU A 68 16.13 4.62 13.78
N ALA A 69 15.19 4.90 12.88
CA ALA A 69 13.90 5.44 13.29
C ALA A 69 13.17 4.53 14.29
N VAL A 70 13.20 3.22 14.03
CA VAL A 70 12.55 2.24 14.93
C VAL A 70 13.16 2.30 16.32
N GLY A 71 14.45 2.61 16.39
CA GLY A 71 15.15 2.76 17.66
C GLY A 71 14.96 4.09 18.34
N HIS A 72 14.30 5.03 17.66
CA HIS A 72 14.14 6.40 18.15
C HIS A 72 12.72 6.92 17.99
N LEU A 73 11.73 6.09 18.34
CA LEU A 73 10.32 6.41 18.10
C LEU A 73 9.82 7.61 18.94
N ASP A 74 10.51 7.86 20.05
CA ASP A 74 10.17 8.97 20.94
C ASP A 74 10.72 10.29 20.44
N ASP A 75 11.61 10.25 19.44
CA ASP A 75 12.19 11.48 18.89
C ASP A 75 12.59 11.35 17.42
N LEU A 76 11.60 11.03 16.58
CA LEU A 76 11.85 11.00 15.14
C LEU A 76 12.34 12.33 14.57
N PRO A 77 11.80 13.48 15.01
CA PRO A 77 12.29 14.77 14.51
C PRO A 77 13.79 14.94 14.72
N GLY A 78 14.27 14.54 15.89
CA GLY A 78 15.70 14.66 16.21
C GLY A 78 16.52 13.67 15.40
N ALA A 79 16.07 12.42 15.37
CA ALA A 79 16.79 11.36 14.68
C ALA A 79 16.91 11.60 13.18
N LEU A 80 15.84 12.13 12.58
CA LEU A 80 15.77 12.30 11.14
C LEU A 80 15.95 13.73 10.65
N SER A 81 16.37 14.65 11.52
CA SER A 81 16.50 16.06 11.17
C SER A 81 17.32 16.28 9.90
N ASN A 82 18.53 15.73 9.87
CA ASN A 82 19.44 15.94 8.75
C ASN A 82 18.91 15.36 7.44
N LEU A 83 18.31 14.17 7.56
CA LEU A 83 17.76 13.49 6.40
C LEU A 83 16.55 14.28 5.86
N SER A 84 15.87 15.01 6.74
CA SER A 84 14.76 15.84 6.34
C SER A 84 15.26 17.07 5.60
N ASP A 85 16.37 17.65 6.08
CA ASP A 85 17.04 18.73 5.35
C ASP A 85 17.40 18.28 3.93
N LEU A 86 18.01 17.12 3.81
CA LEU A 86 18.38 16.58 2.51
C LEU A 86 17.17 16.41 1.59
N HIS A 87 16.14 15.71 2.06
CA HIS A 87 15.01 15.37 1.19
C HIS A 87 14.17 16.60 0.81
N ALA A 88 14.05 17.56 1.71
CA ALA A 88 13.27 18.77 1.41
C ALA A 88 14.10 19.87 0.72
N HIS A 89 15.11 20.37 1.42
CA HIS A 89 15.88 21.53 0.96
C HIS A 89 16.63 21.25 -0.32
N LYS A 90 17.32 20.12 -0.35
CA LYS A 90 18.19 19.79 -1.48
C LYS A 90 17.44 19.07 -2.60
N LEU A 91 16.70 18.02 -2.24
CA LEU A 91 16.12 17.12 -3.25
C LEU A 91 14.74 17.54 -3.70
N ARG A 92 14.09 18.38 -2.90
CA ARG A 92 12.72 18.83 -3.19
C ARG A 92 11.82 17.67 -3.51
N VAL A 93 11.85 16.65 -2.65
CA VAL A 93 11.00 15.48 -2.88
C VAL A 93 9.57 15.84 -2.61
N ASP A 94 8.74 15.62 -3.62
CA ASP A 94 7.32 15.81 -3.53
C ASP A 94 6.78 14.94 -2.39
N PRO A 95 6.01 15.51 -1.46
CA PRO A 95 5.45 14.73 -0.34
C PRO A 95 4.66 13.50 -0.79
N VAL A 96 4.05 13.56 -1.97
CA VAL A 96 3.31 12.40 -2.47
C VAL A 96 4.22 11.19 -2.57
N ASN A 97 5.49 11.41 -2.92
CA ASN A 97 6.37 10.29 -3.14
C ASN A 97 6.67 9.49 -1.87
N PHE A 98 6.55 10.13 -0.71
CA PHE A 98 6.73 9.41 0.56
C PHE A 98 5.59 8.41 0.75
N LYS A 99 4.39 8.77 0.34
CA LYS A 99 3.26 7.83 0.39
C LYS A 99 3.49 6.65 -0.53
N LEU A 100 4.04 6.91 -1.71
CA LEU A 100 4.36 5.85 -2.67
C LEU A 100 5.41 4.91 -2.12
N LEU A 101 6.52 5.43 -1.60
CA LEU A 101 7.54 4.53 -1.08
C LEU A 101 6.97 3.77 0.13
N SER A 102 6.18 4.44 0.96
CA SER A 102 5.66 3.77 2.16
C SER A 102 4.79 2.59 1.75
N HIS A 103 3.91 2.78 0.75
CA HIS A 103 3.09 1.72 0.22
C HIS A 103 3.96 0.56 -0.29
N CYS A 104 5.06 0.90 -0.98
CA CYS A 104 5.95 -0.14 -1.49
C CYS A 104 6.71 -0.86 -0.38
N LEU A 105 7.04 -0.15 0.70
CA LEU A 105 7.62 -0.82 1.88
C LEU A 105 6.65 -1.79 2.51
N LEU A 106 5.40 -1.38 2.73
CA LEU A 106 4.39 -2.31 3.26
C LEU A 106 4.21 -3.53 2.36
N SER A 107 4.19 -3.29 1.04
CA SER A 107 4.06 -4.38 0.06
C SER A 107 5.20 -5.39 0.23
N THR A 108 6.41 -4.86 0.40
CA THR A 108 7.61 -5.69 0.50
C THR A 108 7.58 -6.49 1.80
N LEU A 109 7.16 -5.86 2.90
CA LEU A 109 7.06 -6.56 4.18
C LEU A 109 6.02 -7.67 4.13
N ALA A 110 4.92 -7.40 3.42
CA ALA A 110 3.87 -8.40 3.25
C ALA A 110 4.36 -9.59 2.42
N VAL A 111 5.16 -9.33 1.39
CA VAL A 111 5.72 -10.40 0.58
C VAL A 111 6.52 -11.36 1.48
N HIS A 112 7.37 -10.79 2.32
CA HIS A 112 8.41 -11.59 2.98
C HIS A 112 8.06 -12.06 4.36
N LEU A 113 7.12 -11.37 5.00
CA LEU A 113 6.67 -11.70 6.35
C LEU A 113 5.16 -11.87 6.42
N PRO A 114 4.59 -12.78 5.63
CA PRO A 114 3.13 -12.88 5.54
C PRO A 114 2.43 -13.24 6.84
N ASN A 115 3.09 -14.03 7.68
CA ASN A 115 2.51 -14.45 8.94
C ASN A 115 2.57 -13.41 10.04
N ASP A 116 3.50 -12.48 9.90
CA ASP A 116 3.71 -11.43 10.90
C ASP A 116 3.01 -10.15 10.49
N PHE A 117 2.71 -10.04 9.20
CA PHE A 117 2.08 -8.81 8.69
C PHE A 117 0.58 -8.90 8.92
N THR A 118 0.17 -8.84 10.18
CA THR A 118 -1.23 -8.95 10.56
C THR A 118 -1.91 -7.59 10.35
N PRO A 119 -3.25 -7.54 10.41
CA PRO A 119 -3.94 -6.27 10.28
C PRO A 119 -3.48 -5.22 11.32
N ALA A 120 -3.31 -5.59 12.59
CA ALA A 120 -2.91 -4.61 13.60
C ALA A 120 -1.47 -4.15 13.36
N VAL A 121 -0.60 -5.06 12.93
CA VAL A 121 0.78 -4.70 12.67
C VAL A 121 0.88 -3.83 11.42
N HIS A 122 0.07 -4.13 10.41
CA HIS A 122 -0.03 -3.32 9.19
C HIS A 122 -0.43 -1.90 9.58
N ALA A 123 -1.41 -1.77 10.47
CA ALA A 123 -1.87 -0.45 10.94
C ALA A 123 -0.75 0.29 11.65
N SER A 124 -0.04 -0.39 12.54
CA SER A 124 1.05 0.30 13.25
C SER A 124 2.21 0.67 12.33
N LEU A 125 2.57 -0.20 11.39
CA LEU A 125 3.64 0.13 10.44
C LEU A 125 3.23 1.29 9.54
N ASP A 126 1.96 1.31 9.13
CA ASP A 126 1.46 2.44 8.35
C ASP A 126 1.63 3.74 9.15
N LYS A 127 1.27 3.74 10.43
CA LYS A 127 1.43 4.93 11.25
C LYS A 127 2.90 5.31 11.40
N PHE A 128 3.77 4.30 11.56
CA PHE A 128 5.21 4.53 11.65
C PHE A 128 5.72 5.19 10.37
N LEU A 129 5.34 4.66 9.22
CA LEU A 129 5.83 5.22 7.97
C LEU A 129 5.24 6.62 7.73
N SER A 130 4.00 6.84 8.15
CA SER A 130 3.42 8.19 8.09
C SER A 130 4.22 9.16 8.95
N SER A 131 4.63 8.73 10.13
CA SER A 131 5.37 9.60 11.05
C SER A 131 6.74 9.94 10.47
N VAL A 132 7.41 8.92 9.97
CA VAL A 132 8.69 9.12 9.31
C VAL A 132 8.53 10.10 8.13
N SER A 133 7.49 9.92 7.32
CA SER A 133 7.26 10.77 6.12
C SER A 133 7.00 12.21 6.54
N THR A 134 6.25 12.37 7.62
CA THR A 134 5.94 13.72 8.15
C THR A 134 7.24 14.41 8.53
N VAL A 135 8.13 13.75 9.25
CA VAL A 135 9.42 14.37 9.59
C VAL A 135 10.23 14.65 8.32
N LEU A 136 10.26 13.71 7.39
CA LEU A 136 11.04 13.90 6.16
C LEU A 136 10.54 15.01 5.23
N THR A 137 9.29 15.45 5.41
CA THR A 137 8.73 16.58 4.66
C THR A 137 8.58 17.83 5.53
N SER A 138 9.17 17.81 6.73
CA SER A 138 8.90 18.90 7.68
C SER A 138 9.79 20.11 7.45
N LYS A 139 10.82 19.95 6.62
CA LYS A 139 11.83 20.99 6.46
C LYS A 139 11.49 21.99 5.36
N TYR A 140 10.31 21.83 4.74
CA TYR A 140 9.89 22.75 3.70
C TYR A 140 9.66 24.15 4.23
N ARG A 141 10.41 25.08 3.67
CA ARG A 141 10.30 26.51 3.96
C ARG A 141 8.95 27.03 3.45
N VAL B 1 -6.36 2.26 -19.10
CA VAL B 1 -5.18 1.68 -18.38
C VAL B 1 -4.04 1.39 -19.36
N GLN B 2 -2.87 1.98 -19.11
CA GLN B 2 -1.69 1.80 -19.96
C GLN B 2 -1.11 0.39 -19.78
N LEU B 3 -1.94 -0.61 -19.99
CA LEU B 3 -1.50 -1.99 -19.83
C LEU B 3 -1.30 -2.62 -21.19
N SER B 4 -0.10 -3.15 -21.41
CA SER B 4 0.21 -3.84 -22.66
C SER B 4 -0.49 -5.19 -22.66
N GLY B 5 -0.49 -5.85 -23.82
CA GLY B 5 -1.03 -7.20 -23.94
C GLY B 5 -0.35 -8.22 -23.03
N GLU B 6 0.98 -8.11 -22.90
CA GLU B 6 1.74 -9.02 -22.03
C GLU B 6 1.49 -8.76 -20.53
N GLU B 7 1.32 -7.50 -20.15
CA GLU B 7 1.01 -7.13 -18.76
C GLU B 7 -0.37 -7.64 -18.43
N LYS B 8 -1.30 -7.39 -19.34
CA LYS B 8 -2.68 -7.86 -19.21
C LYS B 8 -2.73 -9.37 -18.93
N ALA B 9 -1.97 -10.13 -19.71
CA ALA B 9 -1.94 -11.57 -19.54
C ALA B 9 -1.46 -11.97 -18.15
N ALA B 10 -0.44 -11.27 -17.65
CA ALA B 10 0.07 -11.56 -16.33
C ALA B 10 -0.96 -11.21 -15.23
N VAL B 11 -1.67 -10.10 -15.42
CA VAL B 11 -2.72 -9.66 -14.48
C VAL B 11 -3.86 -10.68 -14.42
N LEU B 12 -4.32 -11.15 -15.57
CA LEU B 12 -5.42 -12.12 -15.59
C LEU B 12 -4.97 -13.46 -15.01
N ALA B 13 -3.74 -13.87 -15.31
CA ALA B 13 -3.19 -15.11 -14.74
C ALA B 13 -3.15 -15.11 -13.21
N LEU B 14 -2.79 -13.98 -12.61
CA LEU B 14 -2.83 -13.90 -11.16
C LEU B 14 -4.27 -14.00 -10.64
N TRP B 15 -5.20 -13.32 -11.28
CA TRP B 15 -6.57 -13.33 -10.79
C TRP B 15 -7.16 -14.73 -10.80
N ASP B 16 -6.68 -15.55 -11.73
CA ASP B 16 -7.11 -16.96 -11.79
C ASP B 16 -6.82 -17.71 -10.49
N LYS B 17 -5.87 -17.22 -9.69
CA LYS B 17 -5.49 -17.87 -8.44
C LYS B 17 -6.07 -17.18 -7.20
N VAL B 18 -6.83 -16.12 -7.44
CA VAL B 18 -7.37 -15.30 -6.33
C VAL B 18 -8.68 -15.85 -5.79
N ASN B 19 -8.64 -16.23 -4.53
CA ASN B 19 -9.83 -16.60 -3.82
C ASN B 19 -10.52 -15.32 -3.37
N GLU B 20 -11.60 -14.95 -4.07
CA GLU B 20 -12.24 -13.66 -3.80
C GLU B 20 -12.84 -13.56 -2.40
N GLU B 21 -13.21 -14.70 -1.82
CA GLU B 21 -13.74 -14.72 -0.45
C GLU B 21 -12.66 -14.40 0.59
N GLU B 22 -11.56 -15.14 0.55
CA GLU B 22 -10.50 -14.95 1.52
C GLU B 22 -9.78 -13.63 1.29
N VAL B 23 -9.45 -13.33 0.03
CA VAL B 23 -8.74 -12.08 -0.28
C VAL B 23 -9.66 -10.87 -0.02
N GLY B 24 -10.94 -11.01 -0.38
CA GLY B 24 -11.90 -9.91 -0.24
C GLY B 24 -12.21 -9.58 1.21
N GLY B 25 -12.52 -10.59 2.03
CA GLY B 25 -12.76 -10.37 3.44
C GLY B 25 -11.56 -9.69 4.06
N GLU B 26 -10.36 -10.16 3.72
CA GLU B 26 -9.13 -9.66 4.31
C GLU B 26 -8.87 -8.20 3.87
N ALA B 27 -9.08 -7.89 2.60
CA ALA B 27 -8.85 -6.52 2.11
C ALA B 27 -9.85 -5.53 2.73
N LEU B 28 -11.13 -5.86 2.77
CA LEU B 28 -12.07 -4.95 3.40
C LEU B 28 -11.79 -4.81 4.90
N GLY B 29 -11.47 -5.91 5.58
CA GLY B 29 -11.21 -5.80 7.00
C GLY B 29 -9.99 -4.93 7.24
N ARG B 30 -8.93 -5.12 6.44
CA ARG B 30 -7.73 -4.27 6.60
C ARG B 30 -8.04 -2.79 6.34
N LEU B 31 -8.91 -2.51 5.36
CA LEU B 31 -9.29 -1.11 5.11
C LEU B 31 -9.87 -0.52 6.40
N LEU B 32 -10.74 -1.28 7.03
CA LEU B 32 -11.47 -0.80 8.22
C LEU B 32 -10.57 -0.67 9.45
N VAL B 33 -9.52 -1.48 9.52
CA VAL B 33 -8.56 -1.46 10.63
C VAL B 33 -7.50 -0.39 10.43
N VAL B 34 -6.94 -0.33 9.23
CA VAL B 34 -5.82 0.57 8.93
C VAL B 34 -6.31 2.02 8.74
N TYR B 35 -7.53 2.20 8.21
CA TYR B 35 -8.07 3.54 7.93
C TYR B 35 -9.44 3.63 8.59
N PRO B 36 -9.46 3.75 9.92
CA PRO B 36 -10.70 3.53 10.67
C PRO B 36 -11.86 4.44 10.34
N TRP B 37 -11.59 5.62 9.77
CA TRP B 37 -12.67 6.49 9.32
C TRP B 37 -13.60 5.80 8.34
N THR B 38 -13.09 4.80 7.61
CA THR B 38 -13.93 4.11 6.63
C THR B 38 -15.06 3.36 7.31
N GLN B 39 -14.92 3.10 8.62
CA GLN B 39 -15.99 2.46 9.38
C GLN B 39 -17.29 3.26 9.43
N ARG B 40 -17.20 4.57 9.20
CA ARG B 40 -18.38 5.45 9.13
C ARG B 40 -19.47 4.91 8.20
N PHE B 41 -19.06 4.21 7.14
CA PHE B 41 -19.98 3.72 6.11
C PHE B 41 -20.56 2.34 6.44
N PHE B 42 -20.20 1.77 7.59
CA PHE B 42 -20.55 0.37 7.87
C PHE B 42 -21.17 0.14 9.24
N ASP B 43 -21.91 1.14 9.74
CA ASP B 43 -22.53 1.05 11.08
C ASP B 43 -23.41 -0.19 11.21
N SER B 44 -24.09 -0.55 10.12
CA SER B 44 -25.01 -1.68 10.13
C SER B 44 -24.30 -3.04 10.23
N PHE B 45 -22.98 -3.05 10.10
CA PHE B 45 -22.24 -4.31 10.07
C PHE B 45 -21.94 -4.87 11.47
N GLY B 46 -22.32 -4.10 12.49
CA GLY B 46 -22.14 -4.54 13.88
C GLY B 46 -20.78 -4.21 14.47
N ASP B 47 -20.17 -5.19 15.13
CA ASP B 47 -18.95 -4.97 15.91
C ASP B 47 -17.68 -4.74 15.07
N LEU B 48 -17.17 -3.51 15.12
CA LEU B 48 -15.95 -3.12 14.40
C LEU B 48 -14.95 -2.46 15.33
N SER B 49 -15.06 -2.75 16.62
CA SER B 49 -14.39 -1.97 17.68
C SER B 49 -12.92 -2.32 17.93
N ASN B 50 -12.43 -3.39 17.33
CA ASN B 50 -11.01 -3.76 17.41
C ASN B 50 -10.64 -4.68 16.25
N PRO B 51 -9.35 -4.82 15.96
CA PRO B 51 -8.92 -5.58 14.76
C PRO B 51 -9.46 -7.01 14.71
N GLY B 52 -9.42 -7.72 15.83
CA GLY B 52 -10.01 -9.08 15.90
C GLY B 52 -11.50 -9.12 15.55
N ALA B 53 -12.27 -8.18 16.08
CA ALA B 53 -13.69 -8.09 15.81
C ALA B 53 -13.96 -7.76 14.35
N VAL B 54 -13.15 -6.86 13.78
CA VAL B 54 -13.37 -6.46 12.39
C VAL B 54 -13.08 -7.63 11.46
N MET B 55 -11.92 -8.26 11.65
CA MET B 55 -11.48 -9.36 10.77
C MET B 55 -12.40 -10.57 10.88
N GLY B 56 -12.97 -10.78 12.08
CA GLY B 56 -13.85 -11.94 12.30
C GLY B 56 -15.32 -11.70 12.03
N ASN B 57 -15.67 -10.46 11.67
CA ASN B 57 -17.04 -10.07 11.41
C ASN B 57 -17.56 -10.71 10.11
N PRO B 58 -18.61 -11.53 10.19
CA PRO B 58 -19.17 -12.21 9.01
C PRO B 58 -19.62 -11.25 7.91
N LYS B 59 -20.17 -10.10 8.29
CA LYS B 59 -20.64 -9.12 7.32
C LYS B 59 -19.48 -8.48 6.54
N VAL B 60 -18.37 -8.25 7.23
CA VAL B 60 -17.14 -7.76 6.59
C VAL B 60 -16.66 -8.77 5.56
N LYS B 61 -16.55 -10.04 5.95
CA LYS B 61 -16.10 -11.08 5.02
C LYS B 61 -17.03 -11.22 3.81
N ALA B 62 -18.34 -11.28 4.06
CA ALA B 62 -19.31 -11.41 2.97
C ALA B 62 -19.24 -10.22 2.01
N HIS B 63 -19.12 -9.03 2.57
CA HIS B 63 -19.10 -7.83 1.74
C HIS B 63 -17.79 -7.73 0.97
N GLY B 64 -16.67 -8.06 1.62
CA GLY B 64 -15.37 -8.07 0.96
C GLY B 64 -15.32 -8.98 -0.25
N LYS B 65 -15.96 -10.15 -0.13
CA LYS B 65 -16.07 -11.08 -1.26
C LYS B 65 -16.78 -10.41 -2.45
N LYS B 66 -17.88 -9.71 -2.18
CA LYS B 66 -18.61 -8.97 -3.25
C LYS B 66 -17.75 -7.89 -3.90
N VAL B 67 -17.03 -7.13 -3.06
CA VAL B 67 -16.10 -6.14 -3.57
C VAL B 67 -15.05 -6.76 -4.50
N LEU B 68 -14.46 -7.86 -4.07
CA LEU B 68 -13.44 -8.53 -4.85
C LEU B 68 -14.03 -9.13 -6.11
N HIS B 69 -15.26 -9.59 -6.05
CA HIS B 69 -15.89 -10.05 -7.27
C HIS B 69 -15.98 -8.94 -8.32
N SER B 70 -16.32 -7.73 -7.87
CA SER B 70 -16.38 -6.59 -8.79
C SER B 70 -14.99 -6.18 -9.29
N PHE B 71 -13.97 -6.25 -8.43
CA PHE B 71 -12.59 -6.04 -8.88
C PHE B 71 -12.25 -7.04 -10.01
N GLY B 72 -12.67 -8.30 -9.84
CA GLY B 72 -12.45 -9.34 -10.85
C GLY B 72 -13.13 -9.01 -12.18
N GLU B 73 -14.35 -8.47 -12.09
CA GLU B 73 -15.02 -7.96 -13.31
C GLU B 73 -14.17 -6.90 -13.99
N GLY B 74 -13.60 -6.00 -13.19
CA GLY B 74 -12.70 -4.97 -13.72
C GLY B 74 -11.51 -5.58 -14.43
N VAL B 75 -10.86 -6.52 -13.74
CA VAL B 75 -9.70 -7.23 -14.29
C VAL B 75 -10.03 -7.83 -15.67
N HIS B 76 -11.28 -8.30 -15.83
CA HIS B 76 -11.68 -8.95 -17.07
C HIS B 76 -12.35 -8.02 -18.07
N HIS B 77 -12.40 -6.72 -17.75
CA HIS B 77 -12.89 -5.69 -18.68
C HIS B 77 -12.02 -4.42 -18.65
N LEU B 78 -10.71 -4.61 -18.74
CA LEU B 78 -9.76 -3.50 -18.63
C LEU B 78 -9.92 -2.39 -19.68
N ASP B 79 -10.54 -2.71 -20.80
CA ASP B 79 -10.72 -1.75 -21.87
C ASP B 79 -12.04 -1.00 -21.71
N ASN B 80 -12.81 -1.32 -20.68
CA ASN B 80 -14.06 -0.64 -20.39
C ASN B 80 -14.36 -0.59 -18.90
N LEU B 81 -13.41 -0.03 -18.15
CA LEU B 81 -13.61 0.11 -16.72
C LEU B 81 -14.73 1.10 -16.43
N LYS B 82 -14.86 2.13 -17.26
CA LYS B 82 -15.90 3.12 -17.05
C LYS B 82 -17.28 2.48 -17.07
N GLY B 83 -17.57 1.70 -18.12
CA GLY B 83 -18.84 1.00 -18.21
C GLY B 83 -19.03 -0.04 -17.13
N THR B 84 -17.97 -0.80 -16.85
CA THR B 84 -18.02 -1.86 -15.85
C THR B 84 -18.45 -1.31 -14.48
N PHE B 85 -17.93 -0.12 -14.14
CA PHE B 85 -18.10 0.44 -12.81
C PHE B 85 -19.17 1.55 -12.74
N ALA B 86 -19.89 1.75 -13.84
CA ALA B 86 -20.86 2.86 -13.92
C ALA B 86 -21.93 2.81 -12.83
N ALA B 87 -22.57 1.65 -12.67
CA ALA B 87 -23.58 1.49 -11.63
C ALA B 87 -22.98 1.69 -10.22
N LEU B 88 -21.81 1.11 -9.99
CA LEU B 88 -21.16 1.24 -8.69
C LEU B 88 -20.63 2.66 -8.44
N SER B 89 -20.31 3.39 -9.50
CA SER B 89 -19.97 4.80 -9.34
C SER B 89 -21.17 5.60 -8.87
N GLU B 90 -22.35 5.33 -9.43
CA GLU B 90 -23.58 6.02 -8.96
C GLU B 90 -23.85 5.71 -7.48
N LEU B 91 -23.72 4.45 -7.11
CA LEU B 91 -23.88 4.02 -5.73
C LEU B 91 -22.91 4.73 -4.79
N HIS B 92 -21.61 4.64 -5.09
CA HIS B 92 -20.59 5.14 -4.17
C HIS B 92 -20.50 6.67 -4.12
N CYS B 93 -20.76 7.31 -5.26
CA CYS B 93 -20.64 8.77 -5.36
C CYS B 93 -21.96 9.45 -5.04
N ASP B 94 -22.98 9.17 -5.86
CA ASP B 94 -24.26 9.86 -5.73
C ASP B 94 -25.07 9.44 -4.52
N LYS B 95 -25.01 8.17 -4.15
CA LYS B 95 -25.84 7.68 -3.05
C LYS B 95 -25.11 7.71 -1.71
N LEU B 96 -23.87 7.22 -1.68
CA LEU B 96 -23.12 7.07 -0.44
C LEU B 96 -22.23 8.26 -0.10
N HIS B 97 -21.83 9.02 -1.12
CA HIS B 97 -20.92 10.17 -0.95
C HIS B 97 -19.61 9.79 -0.27
N VAL B 98 -18.99 8.70 -0.75
CA VAL B 98 -17.67 8.26 -0.29
C VAL B 98 -16.62 9.15 -0.97
N ASP B 99 -15.69 9.71 -0.20
CA ASP B 99 -14.66 10.49 -0.88
C ASP B 99 -13.85 9.53 -1.78
N PRO B 100 -13.60 9.92 -3.02
CA PRO B 100 -12.93 9.03 -3.97
C PRO B 100 -11.48 8.68 -3.57
N GLU B 101 -10.85 9.45 -2.69
CA GLU B 101 -9.52 9.09 -2.21
C GLU B 101 -9.53 7.70 -1.59
N ASN B 102 -10.65 7.34 -0.99
CA ASN B 102 -10.77 6.03 -0.38
C ASN B 102 -10.84 4.88 -1.37
N PHE B 103 -11.26 5.15 -2.61
CA PHE B 103 -11.23 4.11 -3.64
C PHE B 103 -9.76 3.73 -3.92
N ARG B 104 -8.88 4.72 -3.92
CA ARG B 104 -7.45 4.51 -4.10
C ARG B 104 -6.88 3.74 -2.90
N LEU B 105 -7.28 4.11 -1.68
CA LEU B 105 -6.80 3.39 -0.50
C LEU B 105 -7.20 1.92 -0.53
N LEU B 106 -8.46 1.63 -0.86
CA LEU B 106 -8.88 0.23 -0.91
C LEU B 106 -8.10 -0.54 -1.98
N GLY B 107 -7.88 0.07 -3.15
CA GLY B 107 -7.07 -0.56 -4.20
C GLY B 107 -5.68 -0.89 -3.69
N ASN B 108 -5.08 0.02 -2.93
CA ASN B 108 -3.73 -0.21 -2.44
C ASN B 108 -3.69 -1.27 -1.34
N VAL B 109 -4.72 -1.28 -0.49
CA VAL B 109 -4.88 -2.36 0.51
C VAL B 109 -4.98 -3.71 -0.21
N LEU B 110 -5.77 -3.76 -1.29
CA LEU B 110 -5.88 -5.01 -2.05
C LEU B 110 -4.50 -5.44 -2.56
N VAL B 111 -3.72 -4.48 -3.07
CA VAL B 111 -2.37 -4.78 -3.58
C VAL B 111 -1.52 -5.40 -2.46
N VAL B 112 -1.59 -4.80 -1.27
CA VAL B 112 -0.83 -5.31 -0.13
C VAL B 112 -1.28 -6.72 0.23
N VAL B 113 -2.58 -6.99 0.15
CA VAL B 113 -3.12 -8.33 0.43
C VAL B 113 -2.65 -9.35 -0.60
N LEU B 114 -2.65 -8.96 -1.87
CA LEU B 114 -2.11 -9.82 -2.95
C LEU B 114 -0.64 -10.12 -2.70
N ALA B 115 0.13 -9.11 -2.31
CA ALA B 115 1.54 -9.32 -1.93
C ALA B 115 1.65 -10.35 -0.79
N ARG B 116 0.76 -10.24 0.19
CA ARG B 116 0.86 -11.11 1.36
C ARG B 116 0.56 -12.55 0.95
N HIS B 117 -0.41 -12.71 0.07
CA HIS B 117 -0.88 -14.04 -0.32
C HIS B 117 0.05 -14.71 -1.29
N PHE B 118 0.67 -13.93 -2.17
CA PHE B 118 1.40 -14.51 -3.28
C PHE B 118 2.90 -14.48 -3.09
N GLY B 119 3.35 -13.73 -2.08
CA GLY B 119 4.77 -13.64 -1.77
C GLY B 119 5.64 -13.28 -2.97
N LYS B 120 6.71 -14.05 -3.17
CA LYS B 120 7.67 -13.70 -4.21
C LYS B 120 7.10 -13.77 -5.64
N ASP B 121 5.99 -14.50 -5.80
CA ASP B 121 5.28 -14.55 -7.08
C ASP B 121 4.65 -13.23 -7.45
N PHE B 122 4.42 -12.39 -6.45
CA PHE B 122 3.89 -11.05 -6.68
C PHE B 122 5.09 -10.13 -6.91
N THR B 123 5.68 -10.24 -8.11
CA THR B 123 6.91 -9.54 -8.46
C THR B 123 6.70 -8.05 -8.52
N PRO B 124 7.79 -7.29 -8.46
CA PRO B 124 7.69 -5.84 -8.66
C PRO B 124 6.99 -5.49 -9.98
N GLU B 125 7.25 -6.26 -11.05
CA GLU B 125 6.61 -6.04 -12.35
C GLU B 125 5.10 -6.30 -12.31
N LEU B 126 4.71 -7.40 -11.68
CA LEU B 126 3.31 -7.75 -11.54
C LEU B 126 2.60 -6.73 -10.65
N GLN B 127 3.25 -6.33 -9.55
CA GLN B 127 2.67 -5.27 -8.72
C GLN B 127 2.47 -4.00 -9.55
N ALA B 128 3.45 -3.64 -10.38
CA ALA B 128 3.31 -2.42 -11.18
C ALA B 128 2.07 -2.46 -12.06
N SER B 129 1.80 -3.63 -12.62
CA SER B 129 0.62 -3.79 -13.48
C SER B 129 -0.63 -3.66 -12.62
N TYR B 130 -0.60 -4.25 -11.43
CA TYR B 130 -1.75 -4.16 -10.52
C TYR B 130 -1.99 -2.74 -10.03
N GLN B 131 -0.93 -1.94 -9.94
CA GLN B 131 -1.09 -0.53 -9.60
C GLN B 131 -1.88 0.19 -10.72
N LYS B 132 -1.58 -0.15 -11.97
CA LYS B 132 -2.34 0.43 -13.09
C LYS B 132 -3.80 0.01 -12.99
N VAL B 133 -4.01 -1.26 -12.68
CA VAL B 133 -5.38 -1.77 -12.55
C VAL B 133 -6.15 -1.04 -11.45
N VAL B 134 -5.59 -0.99 -10.24
CA VAL B 134 -6.38 -0.42 -9.14
C VAL B 134 -6.58 1.10 -9.34
N ALA B 135 -5.62 1.77 -10.00
CA ALA B 135 -5.80 3.18 -10.37
C ALA B 135 -6.95 3.34 -11.35
N GLY B 136 -7.05 2.44 -12.32
CA GLY B 136 -8.13 2.47 -13.30
C GLY B 136 -9.48 2.23 -12.66
N VAL B 137 -9.52 1.28 -11.73
CA VAL B 137 -10.77 0.99 -11.02
C VAL B 137 -11.18 2.18 -10.17
N ALA B 138 -10.25 2.73 -9.40
CA ALA B 138 -10.55 3.94 -8.61
C ALA B 138 -11.05 5.08 -9.50
N ASN B 139 -10.39 5.32 -10.64
CA ASN B 139 -10.83 6.40 -11.53
C ASN B 139 -12.23 6.15 -12.10
N ALA B 140 -12.51 4.90 -12.47
CA ALA B 140 -13.82 4.52 -13.02
C ALA B 140 -14.90 4.68 -11.94
N LEU B 141 -14.59 4.27 -10.71
CA LEU B 141 -15.54 4.41 -9.60
C LEU B 141 -15.86 5.85 -9.28
N ALA B 142 -14.91 6.74 -9.57
CA ALA B 142 -15.07 8.15 -9.25
C ALA B 142 -15.68 8.92 -10.41
N HIS B 143 -16.08 8.23 -11.47
CA HIS B 143 -16.56 8.93 -12.67
C HIS B 143 -17.69 9.92 -12.37
N LYS B 144 -18.64 9.52 -11.54
CA LYS B 144 -19.78 10.36 -11.17
C LYS B 144 -19.40 11.65 -10.44
N TYR B 145 -18.14 11.72 -9.98
CA TYR B 145 -17.57 12.98 -9.45
C TYR B 145 -16.89 13.83 -10.53
N HIS B 146 -16.69 13.27 -11.73
CA HIS B 146 -15.94 13.96 -12.77
C HIS B 146 -16.86 14.89 -13.57
CHA HEM C . 18.90 9.54 -0.27
CHB HEM C . 16.23 7.58 3.32
CHC HEM C . 12.16 8.47 0.79
CHD HEM C . 14.81 10.24 -2.92
C1A HEM C . 18.54 8.91 0.90
C2A HEM C . 19.44 8.40 1.91
C3A HEM C . 18.71 7.85 2.90
C4A HEM C . 17.30 8.00 2.55
CMA HEM C . 19.21 7.18 4.20
CAA HEM C . 20.97 8.47 1.81
CBA HEM C . 21.41 9.88 2.17
CGA HEM C . 22.90 9.95 1.97
O1A HEM C . 23.61 10.03 2.99
O2A HEM C . 23.38 9.93 0.81
C1B HEM C . 14.90 7.68 2.98
C2B HEM C . 13.76 7.28 3.78
C3B HEM C . 12.64 7.50 3.07
C4B HEM C . 13.03 8.11 1.82
CMB HEM C . 13.91 6.63 5.18
CAB HEM C . 11.17 7.27 3.45
CBB HEM C . 10.77 6.19 4.13
C1C HEM C . 12.54 9.01 -0.43
C2C HEM C . 11.63 9.36 -1.51
C3C HEM C . 12.36 9.84 -2.52
C4C HEM C . 13.76 9.82 -2.14
CMC HEM C . 10.10 9.21 -1.46
CAC HEM C . 11.87 10.36 -3.89
CBC HEM C . 11.12 9.53 -4.65
C1D HEM C . 16.13 10.21 -2.55
C2D HEM C . 17.21 10.63 -3.39
C3D HEM C . 18.47 10.43 -2.58
C4D HEM C . 18.04 9.88 -1.30
CMD HEM C . 17.13 11.21 -4.82
CAD HEM C . 19.90 10.73 -3.07
CBD HEM C . 20.32 9.61 -4.01
CGD HEM C . 21.70 9.94 -4.52
O1D HEM C . 22.69 9.53 -3.87
O2D HEM C . 21.79 10.64 -5.57
NA HEM C . 17.23 8.65 1.32
NB HEM C . 14.41 8.19 1.80
NC HEM C . 13.84 9.31 -0.85
ND HEM C . 16.65 9.76 -1.32
FE HEM C . 15.51 8.96 0.24
C CMO D . 15.51 7.44 -0.51
O CMO D . 15.45 6.39 -1.12
C1 L35 E . 22.03 9.31 6.25
C2 L35 E . 21.11 9.43 7.29
C3 L35 E . 20.63 8.31 7.95
C4 L35 E . 21.07 7.04 7.58
C5 L35 E . 22.00 6.90 6.54
C6 L35 E . 22.47 8.04 5.86
C7 L35 E . 22.22 11.71 5.73
C8 L35 E . 22.49 16.55 3.83
C9 L35 E . 21.88 16.06 5.00
C10 L35 E . 21.87 14.69 5.30
C11 L35 E . 22.47 13.78 4.43
C12 L35 E . 23.07 14.27 3.26
C13 L35 E . 23.07 15.62 2.96
C14 L35 E . 23.34 18.71 2.75
C15 L35 E . 24.81 18.42 3.02
C16 L35 E . 23.03 20.16 3.07
C17 L35 E . 23.02 18.55 1.27
N1 L35 E . 22.49 10.40 5.58
N2 L35 E . 22.51 12.43 4.64
O1 L35 E . 21.47 12.17 6.59
O2 L35 E . 22.46 17.91 3.58
O3 L35 E . 21.84 18.26 0.96
O4 L35 E . 23.91 18.75 0.42
CL1 L35 E . 22.53 5.24 6.10
CL2 L35 E . 19.45 8.50 9.29
CHA HEM F . -21.14 -1.59 -1.70
CHB HEM F . -17.40 -2.30 -4.66
CHC HEM F . -14.75 0.98 -2.29
CHD HEM F . -18.44 1.66 0.82
C1A HEM F . -20.33 -2.14 -2.67
C2A HEM F . -20.65 -3.25 -3.55
C3A HEM F . -19.62 -3.45 -4.36
C4A HEM F . -18.59 -2.46 -4.03
CMA HEM F . -19.51 -4.55 -5.45
CAA HEM F . -21.93 -4.09 -3.49
CBA HEM F . -23.17 -3.48 -4.10
CGA HEM F . -24.22 -4.50 -3.71
O1A HEM F . -23.93 -5.73 -3.84
O2A HEM F . -25.31 -4.08 -3.24
C1B HEM F . -16.40 -1.44 -4.31
C2B HEM F . -15.16 -1.31 -5.03
C3B HEM F . -14.39 -0.44 -4.38
C4B HEM F . -15.15 0.06 -3.24
CMB HEM F . -14.82 -2.16 -6.28
CAB HEM F . -12.97 0.00 -4.81
CBB HEM F . -12.55 1.20 -4.49
C1C HEM F . -15.52 1.42 -1.24
C2C HEM F . -15.10 2.38 -0.25
C3C HEM F . -16.09 2.54 0.64
C4C HEM F . -17.21 1.74 0.19
CMC HEM F . -13.67 2.97 -0.20
CAC HEM F . -16.14 3.45 1.88
CBC HEM F . -15.08 3.55 2.68
C1D HEM F . -19.49 0.85 0.44
C2D HEM F . -20.74 0.75 1.14
C3D HEM F . -21.57 -0.24 0.35
C4D HEM F . -20.75 -0.66 -0.75
CMD HEM F . -21.13 1.51 2.43
CAD HEM F . -23.00 -0.71 0.70
CBD HEM F . -22.89 -1.59 1.93
CGD HEM F . -24.28 -1.93 2.40
O1D HEM F . -24.72 -1.34 3.41
O2D HEM F . -24.92 -2.80 1.77
NA HEM F . -19.07 -1.70 -3.00
NB HEM F . -16.38 -0.58 -3.21
NC HEM F . -16.84 1.07 -0.96
ND HEM F . -19.52 0.01 -0.67
FE HEM F . -17.92 -0.31 -1.91
C CMO G . -17.19 -1.36 -0.81
O CMO G . -16.84 -2.00 0.17
C1 L35 H . -1.35 6.57 -0.19
C2 L35 H . -1.63 7.78 -0.83
C3 L35 H . -1.32 7.97 -2.17
C4 L35 H . -0.74 6.94 -2.89
C5 L35 H . -0.46 5.73 -2.26
C6 L35 H . -0.76 5.54 -0.93
C7 L35 H . -2.20 7.16 2.00
C8 L35 H . -3.57 8.51 6.66
C9 L35 H . -4.43 8.55 5.56
C10 L35 H . -4.10 7.90 4.38
C11 L35 H . -2.88 7.22 4.29
C12 L35 H . -2.02 7.16 5.40
C13 L35 H . -2.37 7.81 6.58
C14 L35 H . -3.68 10.51 8.17
C15 L35 H . -4.65 10.86 9.29
C16 L35 H . -3.93 11.44 6.98
C17 L35 H . -2.26 10.66 8.66
N1 L35 H . -1.63 6.32 1.11
N2 L35 H . -2.54 6.57 3.14
O1 L35 H . -2.53 8.30 1.73
O2 L35 H . -3.94 9.14 7.83
O3 L35 H . -1.89 10.00 9.66
O4 L35 H . -1.48 11.43 8.05
CL1 L35 H . 0.30 4.41 -3.21
CL2 L35 H . -1.67 9.52 -3.00
#